data_5ZSK
#
_entry.id   5ZSK
#
_cell.length_a   91.800
_cell.length_b   91.800
_cell.length_c   127.500
_cell.angle_alpha   90.000
_cell.angle_beta   90.000
_cell.angle_gamma   120.000
#
_symmetry.space_group_name_H-M   'P 31 2 1'
#
loop_
_entity.id
_entity.type
_entity.pdbx_description
1 polymer 'Cysteine desulfurase SufS'
2 non-polymer '2-[(3-HYDROXY-2-METHYL-5-PHOSPHONOOXYMETHYL-PYRIDIN-4-YLMETHYL)-AMINO]-PROPIONIC ACID'
3 water water
#
_entity_poly.entity_id   1
_entity_poly.type   'polypeptide(L)'
_entity_poly.pdbx_seq_one_letter_code
;MGHMNITDIREQFPILHQQVNGHDLVYLDSAATSQKPRAVIETLDKYYNQYNSNVHRGVHTLGTRATDGYEGAREKVRKF
INAKSMAEIIFTKGTTTSLNMVALSYARANLKPGDEVVITYMEHHANIIPWQQAVKATGATLKYIPLQEDGTISLEDVRE
TVTSNTKIVAVSHVSNVLGTVNPIKEMAKIAHDNGAVIVVDGAQSTPHMKIDVQDLDCDFFALSSHKMCGPTGVGVLYGK
KALLENMEPAEFGGEMIDFVGLYESTWKELPWKFEAGTPIIAGAIGLGAAIDFLEEIGLDEISRHEHKLAAYALERFRQL
DGVTVYGPEERAGLVTFNLDDVHPHDVATVLDAEGIAVRAGHH(CSS)AQPLMKWLDVTATARASFYLYNTEEEIDKLVE
ALQKTKEYFTNVFVDLEHHHHHH
;
_entity_poly.pdbx_strand_id   A
#
loop_
_chem_comp.id
_chem_comp.type
_chem_comp.name
_chem_comp.formula
PDA non-polymer '2-[(3-HYDROXY-2-METHYL-5-PHOSPHONOOXYMETHYL-PYRIDIN-4-YLMETHYL)-AMINO]-PROPIONIC ACID' 'C11 H17 N2 O7 P'
#
# COMPACT_ATOMS: atom_id res chain seq x y z
N MET A 4 -14.06 -3.16 -20.51
CA MET A 4 -12.85 -2.44 -20.07
C MET A 4 -11.74 -2.51 -21.11
N ASN A 5 -11.67 -1.51 -21.99
CA ASN A 5 -10.66 -1.49 -23.05
C ASN A 5 -9.33 -1.00 -22.49
N ILE A 6 -8.33 -1.88 -22.53
CA ILE A 6 -7.04 -1.60 -21.90
C ILE A 6 -6.08 -0.83 -22.81
N THR A 7 -6.24 -0.93 -24.13
CA THR A 7 -5.53 0.00 -25.02
C THR A 7 -5.91 1.44 -24.74
N ASP A 8 -7.21 1.71 -24.56
CA ASP A 8 -7.66 3.06 -24.24
C ASP A 8 -7.06 3.54 -22.93
N ILE A 9 -6.91 2.64 -21.95
CA ILE A 9 -6.35 3.02 -20.66
C ILE A 9 -4.86 3.29 -20.80
N ARG A 10 -4.14 2.41 -21.50
CA ARG A 10 -2.70 2.59 -21.67
C ARG A 10 -2.40 3.88 -22.40
N GLU A 11 -3.27 4.29 -23.34
CA GLU A 11 -3.05 5.54 -24.05
C GLU A 11 -3.12 6.74 -23.13
N GLN A 12 -3.66 6.57 -21.92
CA GLN A 12 -3.73 7.63 -20.91
C GLN A 12 -2.43 7.82 -20.13
N PHE A 13 -1.48 6.88 -20.21
CA PHE A 13 -0.25 6.93 -19.42
C PHE A 13 0.94 7.23 -20.33
N PRO A 14 1.39 8.48 -20.41
CA PRO A 14 2.49 8.81 -21.35
C PRO A 14 3.79 8.06 -21.08
N ILE A 15 4.08 7.74 -19.81
CA ILE A 15 5.34 7.10 -19.45
C ILE A 15 5.50 5.72 -20.10
N LEU A 16 4.38 5.06 -20.43
CA LEU A 16 4.46 3.71 -20.98
C LEU A 16 5.05 3.68 -22.38
N HIS A 17 4.94 4.80 -23.11
CA HIS A 17 5.27 4.84 -24.53
C HIS A 17 6.69 5.36 -24.72
N GLN A 18 7.64 4.55 -24.25
CA GLN A 18 9.06 4.84 -24.42
C GLN A 18 9.81 3.54 -24.55
N GLN A 19 11.11 3.66 -24.84
CA GLN A 19 11.99 2.51 -24.93
C GLN A 19 13.04 2.61 -23.84
N VAL A 20 13.50 1.45 -23.37
CA VAL A 20 14.51 1.35 -22.33
C VAL A 20 15.58 0.38 -22.81
N ASN A 21 16.79 0.88 -23.04
CA ASN A 21 17.92 0.05 -23.46
C ASN A 21 17.62 -0.66 -24.77
N GLY A 22 16.95 0.04 -25.68
CA GLY A 22 16.64 -0.46 -27.00
C GLY A 22 15.33 -1.22 -27.11
N HIS A 23 14.78 -1.68 -26.00
CA HIS A 23 13.55 -2.46 -25.97
C HIS A 23 12.38 -1.60 -25.51
N ASP A 24 11.18 -1.96 -25.97
CA ASP A 24 9.96 -1.35 -25.45
C ASP A 24 9.85 -1.55 -23.94
N LEU A 25 9.49 -0.49 -23.23
CA LEU A 25 9.34 -0.58 -21.79
C LEU A 25 8.23 -1.55 -21.40
N VAL A 26 8.55 -2.45 -20.48
CA VAL A 26 7.57 -3.36 -19.86
C VAL A 26 7.66 -3.11 -18.36
N TYR A 27 6.81 -2.22 -17.84
CA TYR A 27 6.85 -1.87 -16.42
C TYR A 27 6.05 -2.88 -15.62
N LEU A 28 6.75 -3.65 -14.79
CA LEU A 28 6.14 -4.66 -13.94
C LEU A 28 6.59 -4.46 -12.50
N ASP A 29 6.50 -3.22 -12.02
CA ASP A 29 6.94 -2.85 -10.68
C ASP A 29 5.95 -1.86 -10.08
N SER A 30 4.65 -2.09 -10.34
CA SER A 30 3.63 -1.20 -9.83
C SER A 30 3.44 -1.33 -8.33
N ALA A 31 3.86 -2.45 -7.73
CA ALA A 31 3.77 -2.62 -6.29
C ALA A 31 4.75 -1.75 -5.53
N ALA A 32 5.83 -1.32 -6.17
CA ALA A 32 6.69 -0.29 -5.60
C ALA A 32 6.12 1.11 -5.81
N THR A 33 5.71 1.43 -7.04
CA THR A 33 4.95 2.65 -7.32
C THR A 33 4.28 2.55 -8.68
N SER A 34 3.14 3.21 -8.80
CA SER A 34 2.31 3.15 -9.98
C SER A 34 2.60 4.36 -10.88
N GLN A 35 2.12 4.30 -12.11
CA GLN A 35 2.22 5.40 -13.04
C GLN A 35 0.93 6.21 -13.05
N LYS A 36 1.04 7.41 -13.55
CA LYS A 36 -0.07 8.34 -13.46
C LYS A 36 -0.67 8.57 -14.84
N PRO A 37 -1.99 8.66 -14.91
CA PRO A 37 -2.65 9.03 -16.16
C PRO A 37 -2.62 10.55 -16.37
N ARG A 38 -2.87 10.95 -17.63
CA ARG A 38 -2.92 12.36 -17.95
C ARG A 38 -3.83 13.13 -16.99
N ALA A 39 -4.89 12.49 -16.49
CA ALA A 39 -5.82 13.20 -15.62
C ALA A 39 -5.14 13.69 -14.35
N VAL A 40 -4.25 12.89 -13.76
CA VAL A 40 -3.57 13.29 -12.53
C VAL A 40 -2.55 14.39 -12.81
N ILE A 41 -1.69 14.18 -13.81
CA ILE A 41 -0.65 15.15 -14.14
C ILE A 41 -1.28 16.49 -14.52
N GLU A 42 -2.39 16.45 -15.27
CA GLU A 42 -3.05 17.68 -15.68
C GLU A 42 -3.82 18.32 -14.52
N THR A 43 -4.30 17.52 -13.57
CA THR A 43 -4.82 18.08 -12.33
C THR A 43 -3.75 18.88 -11.59
N LEU A 44 -2.56 18.30 -11.46
CA LEU A 44 -1.44 19.03 -10.84
C LEU A 44 -1.12 20.30 -11.60
N ASP A 45 -1.05 20.21 -12.93
CA ASP A 45 -0.75 21.36 -13.77
C ASP A 45 -1.79 22.45 -13.56
N LYS A 46 -3.08 22.08 -13.59
CA LYS A 46 -4.13 23.07 -13.40
C LYS A 46 -4.03 23.72 -12.04
N TYR A 47 -3.67 22.93 -11.01
CA TYR A 47 -3.50 23.50 -9.69
C TYR A 47 -2.41 24.56 -9.68
N TYR A 48 -1.21 24.20 -10.14
CA TYR A 48 -0.10 25.16 -10.05
C TYR A 48 -0.24 26.30 -11.04
N ASN A 49 -0.98 26.12 -12.15
CA ASN A 49 -1.18 27.16 -13.14
C ASN A 49 -2.32 28.10 -12.81
N GLN A 50 -3.28 27.69 -11.97
CA GLN A 50 -4.49 28.51 -11.94
C GLN A 50 -4.95 28.88 -10.53
N TYR A 51 -4.93 27.96 -9.58
CA TYR A 51 -5.52 28.29 -8.28
C TYR A 51 -4.65 27.80 -7.12
N ASN A 52 -3.32 27.79 -7.29
CA ASN A 52 -2.45 27.44 -6.17
C ASN A 52 -2.42 28.58 -5.16
N SER A 53 -2.71 28.24 -3.91
CA SER A 53 -2.67 29.16 -2.78
C SER A 53 -2.78 28.29 -1.55
N ASN A 54 -2.41 28.84 -0.41
CA ASN A 54 -2.60 28.07 0.81
C ASN A 54 -4.10 28.10 1.09
N VAL A 55 -4.59 27.15 1.86
CA VAL A 55 -6.04 26.93 1.88
C VAL A 55 -6.71 27.57 3.10
N HIS A 56 -6.90 26.81 4.16
CA HIS A 56 -7.25 27.26 5.51
C HIS A 56 -6.60 28.56 6.01
N ARG A 57 -5.85 29.30 5.20
CA ARG A 57 -5.49 30.62 5.72
C ARG A 57 -6.15 31.79 4.98
N GLY A 58 -5.50 32.33 3.96
CA GLY A 58 -6.07 33.47 3.26
C GLY A 58 -7.51 33.24 2.84
N VAL A 59 -8.30 34.32 2.90
CA VAL A 59 -9.74 34.26 2.65
C VAL A 59 -9.95 35.07 1.38
N HIS A 60 -9.20 34.72 0.34
CA HIS A 60 -9.25 35.27 -0.99
C HIS A 60 -9.59 34.17 -1.99
N THR A 61 -9.87 34.58 -3.23
CA THR A 61 -10.52 33.69 -4.19
C THR A 61 -9.65 32.48 -4.50
N LEU A 62 -8.36 32.70 -4.77
CA LEU A 62 -7.51 31.55 -5.06
C LEU A 62 -7.37 30.65 -3.83
N GLY A 63 -7.32 31.26 -2.65
CA GLY A 63 -7.34 30.48 -1.42
C GLY A 63 -8.61 29.66 -1.29
N THR A 64 -9.76 30.26 -1.63
CA THR A 64 -11.03 29.53 -1.57
C THR A 64 -11.05 28.37 -2.56
N ARG A 65 -10.58 28.59 -3.79
CA ARG A 65 -10.53 27.50 -4.76
C ARG A 65 -9.64 26.37 -4.28
N ALA A 66 -8.47 26.70 -3.75
CA ALA A 66 -7.55 25.67 -3.27
C ALA A 66 -8.14 24.91 -2.08
N THR A 67 -8.78 25.63 -1.15
CA THR A 67 -9.43 24.97 -0.02
C THR A 67 -10.52 24.02 -0.50
N ASP A 68 -11.32 24.48 -1.47
CA ASP A 68 -12.37 23.66 -2.04
C ASP A 68 -11.80 22.39 -2.66
N GLY A 69 -10.71 22.54 -3.43
CA GLY A 69 -10.09 21.38 -4.03
C GLY A 69 -9.59 20.39 -3.01
N TYR A 70 -8.90 20.89 -1.97
CA TYR A 70 -8.32 20.01 -0.96
C TYR A 70 -9.41 19.25 -0.21
N GLU A 71 -10.42 19.97 0.30
CA GLU A 71 -11.47 19.30 1.07
C GLU A 71 -12.39 18.46 0.17
N GLY A 72 -12.54 18.82 -1.10
CA GLY A 72 -13.28 17.95 -2.00
C GLY A 72 -12.53 16.67 -2.27
N ALA A 73 -11.19 16.75 -2.35
CA ALA A 73 -10.39 15.54 -2.38
C ALA A 73 -10.64 14.68 -1.15
N ARG A 74 -10.71 15.32 0.03
CA ARG A 74 -11.02 14.59 1.25
C ARG A 74 -12.37 13.87 1.13
N GLU A 75 -13.37 14.55 0.57
CA GLU A 75 -14.69 13.92 0.43
C GLU A 75 -14.64 12.76 -0.57
N LYS A 76 -13.90 12.93 -1.68
CA LYS A 76 -13.74 11.84 -2.63
C LYS A 76 -13.07 10.63 -1.99
N VAL A 77 -12.09 10.87 -1.12
CA VAL A 77 -11.44 9.76 -0.40
C VAL A 77 -12.45 9.11 0.52
N ARG A 78 -13.29 9.92 1.19
CA ARG A 78 -14.31 9.38 2.09
C ARG A 78 -15.27 8.46 1.33
N LYS A 79 -15.77 8.93 0.19
CA LYS A 79 -16.65 8.11 -0.64
C LYS A 79 -15.93 6.86 -1.12
N PHE A 80 -14.66 7.00 -1.50
CA PHE A 80 -13.93 5.93 -2.16
C PHE A 80 -13.78 4.71 -1.26
N ILE A 81 -13.64 4.91 0.04
CA ILE A 81 -13.49 3.82 1.00
C ILE A 81 -14.71 3.70 1.90
N ASN A 82 -15.80 4.41 1.59
CA ASN A 82 -17.07 4.32 2.31
C ASN A 82 -16.93 4.67 3.79
N ALA A 83 -16.03 5.59 4.13
CA ALA A 83 -16.01 6.11 5.50
C ALA A 83 -17.30 6.86 5.80
N LYS A 84 -17.61 6.98 7.09
CA LYS A 84 -18.83 7.69 7.48
C LYS A 84 -18.66 9.20 7.35
N SER A 85 -17.54 9.73 7.80
CA SER A 85 -17.34 11.16 7.90
C SER A 85 -15.96 11.55 7.37
N MET A 86 -15.89 12.75 6.81
CA MET A 86 -14.60 13.32 6.42
C MET A 86 -13.67 13.43 7.63
N ALA A 87 -14.22 13.55 8.84
CA ALA A 87 -13.42 13.64 10.05
C ALA A 87 -12.59 12.38 10.29
N GLU A 88 -12.97 11.26 9.67
CA GLU A 88 -12.25 10.01 9.77
C GLU A 88 -11.18 9.87 8.70
N ILE A 89 -11.05 10.86 7.82
CA ILE A 89 -10.15 10.83 6.68
C ILE A 89 -9.05 11.86 6.99
N ILE A 90 -7.83 11.39 7.20
CA ILE A 90 -6.71 12.25 7.55
C ILE A 90 -5.67 12.11 6.47
N PHE A 91 -5.23 13.24 5.91
CA PHE A 91 -4.21 13.21 4.89
C PHE A 91 -2.86 13.08 5.57
N THR A 92 -2.02 12.16 5.09
CA THR A 92 -0.72 11.96 5.68
C THR A 92 0.34 11.93 4.59
N LYS A 93 1.58 11.60 4.95
CA LYS A 93 2.65 11.51 3.97
C LYS A 93 2.58 10.22 3.17
N GLY A 94 1.87 9.22 3.67
CA GLY A 94 1.86 7.89 3.10
C GLY A 94 1.51 6.86 4.15
N THR A 95 1.44 5.60 3.71
CA THR A 95 1.02 4.51 4.58
C THR A 95 1.94 4.36 5.79
N THR A 96 3.26 4.48 5.57
CA THR A 96 4.22 4.39 6.66
C THR A 96 3.91 5.40 7.76
N THR A 97 3.65 6.65 7.36
CA THR A 97 3.36 7.70 8.33
C THR A 97 2.06 7.43 9.07
N SER A 98 1.03 6.95 8.37
CA SER A 98 -0.26 6.68 9.02
C SER A 98 -0.10 5.60 10.08
N LEU A 99 0.56 4.50 9.73
CA LEU A 99 0.83 3.44 10.70
C LEU A 99 1.62 3.98 11.88
N ASN A 100 2.63 4.82 11.62
CA ASN A 100 3.40 5.44 12.69
C ASN A 100 2.53 6.29 13.59
N MET A 101 1.54 6.98 13.02
CA MET A 101 0.68 7.85 13.82
C MET A 101 -0.19 7.04 14.76
N VAL A 102 -0.68 5.90 14.29
CA VAL A 102 -1.42 5.00 15.19
C VAL A 102 -0.49 4.43 16.26
N ALA A 103 0.73 4.03 15.86
CA ALA A 103 1.73 3.49 16.77
C ALA A 103 2.10 4.51 17.84
N LEU A 104 2.05 5.78 17.47
CA LEU A 104 2.43 6.88 18.34
C LEU A 104 1.33 7.14 19.36
N SER A 105 0.07 7.24 18.93
CA SER A 105 -0.83 7.72 19.96
C SER A 105 -1.31 6.55 20.81
N TYR A 106 -1.20 5.33 20.26
CA TYR A 106 -1.45 4.14 21.06
C TYR A 106 -0.35 4.02 22.11
N ALA A 107 0.91 3.97 21.66
CA ALA A 107 2.01 3.78 22.60
C ALA A 107 1.96 4.88 23.65
N ARG A 108 1.91 6.15 23.23
CA ARG A 108 1.99 7.25 24.16
C ARG A 108 0.80 7.30 25.11
N ALA A 109 -0.30 6.59 24.84
CA ALA A 109 -1.37 6.68 25.83
C ALA A 109 -2.18 5.42 26.13
N ASN A 110 -2.13 4.34 25.33
CA ASN A 110 -3.02 3.23 25.62
C ASN A 110 -2.31 1.88 25.81
N LEU A 111 -1.00 1.84 25.98
CA LEU A 111 -0.30 0.56 26.12
C LEU A 111 0.29 0.45 27.52
N LYS A 112 -0.01 -0.64 28.20
CA LYS A 112 0.57 -0.98 29.49
C LYS A 112 1.30 -2.32 29.39
N PRO A 113 2.20 -2.62 30.33
CA PRO A 113 2.84 -3.94 30.34
C PRO A 113 1.81 -5.05 30.49
N GLY A 114 2.02 -6.15 29.78
CA GLY A 114 1.03 -7.20 29.70
C GLY A 114 0.12 -7.12 28.50
N ASP A 115 -0.08 -5.94 27.94
CA ASP A 115 -0.84 -5.79 26.72
C ASP A 115 -0.08 -6.39 25.56
N GLU A 116 -0.81 -6.88 24.56
CA GLU A 116 -0.19 -7.55 23.43
C GLU A 116 -0.50 -6.80 22.15
N VAL A 117 0.50 -6.67 21.30
CA VAL A 117 0.33 -6.22 19.93
C VAL A 117 0.70 -7.42 19.06
N VAL A 118 -0.24 -7.87 18.24
CA VAL A 118 -0.03 -9.05 17.41
C VAL A 118 0.03 -8.60 15.95
N ILE A 119 1.07 -9.07 15.24
CA ILE A 119 1.18 -8.86 13.80
C ILE A 119 1.34 -10.21 13.12
N THR A 120 1.92 -10.21 11.91
CA THR A 120 2.09 -11.43 11.12
C THR A 120 3.51 -11.47 10.54
N TYR A 121 3.92 -12.65 10.05
CA TYR A 121 5.24 -12.81 9.46
C TYR A 121 5.35 -12.20 8.07
N MET A 122 4.23 -11.88 7.43
CA MET A 122 4.23 -11.37 6.07
C MET A 122 4.18 -9.85 6.01
N GLU A 123 4.28 -9.18 7.15
CA GLU A 123 4.03 -7.74 7.20
C GLU A 123 5.18 -6.96 6.59
N HIS A 124 4.84 -5.94 5.82
CA HIS A 124 5.82 -4.96 5.37
C HIS A 124 6.47 -4.30 6.59
N HIS A 125 7.73 -3.87 6.42
CA HIS A 125 8.45 -3.25 7.54
C HIS A 125 7.68 -2.07 8.12
N ALA A 126 6.96 -1.32 7.28
CA ALA A 126 6.17 -0.20 7.77
C ALA A 126 5.15 -0.66 8.81
N ASN A 127 4.68 -1.92 8.71
CA ASN A 127 3.72 -2.48 9.64
C ASN A 127 4.38 -3.40 10.66
N ILE A 128 5.68 -3.23 10.91
CA ILE A 128 6.40 -4.03 11.89
C ILE A 128 7.12 -3.12 12.90
N ILE A 129 8.03 -2.29 12.38
CA ILE A 129 8.92 -1.53 13.27
C ILE A 129 8.18 -0.55 14.17
N PRO A 130 7.15 0.18 13.72
CA PRO A 130 6.43 1.04 14.67
C PRO A 130 5.90 0.28 15.88
N TRP A 131 5.43 -0.96 15.69
CA TRP A 131 4.93 -1.75 16.80
C TRP A 131 6.06 -2.23 17.70
N GLN A 132 7.19 -2.62 17.10
CA GLN A 132 8.40 -2.91 17.87
C GLN A 132 8.74 -1.76 18.81
N GLN A 133 8.86 -0.56 18.26
CA GLN A 133 9.24 0.60 19.07
C GLN A 133 8.17 0.94 20.09
N ALA A 134 6.89 0.73 19.76
CA ALA A 134 5.83 1.07 20.71
C ALA A 134 5.83 0.10 21.89
N VAL A 135 5.96 -1.20 21.63
CA VAL A 135 6.04 -2.16 22.73
C VAL A 135 7.32 -1.93 23.53
N LYS A 136 8.42 -1.50 22.88
CA LYS A 136 9.62 -1.14 23.62
C LYS A 136 9.36 0.02 24.58
N ALA A 137 8.72 1.08 24.08
CA ALA A 137 8.49 2.25 24.90
C ALA A 137 7.49 1.98 26.02
N THR A 138 6.57 1.04 25.81
CA THR A 138 5.51 0.79 26.77
C THR A 138 5.69 -0.48 27.60
N GLY A 139 6.67 -1.32 27.30
CA GLY A 139 6.78 -2.57 28.02
C GLY A 139 5.73 -3.60 27.68
N ALA A 140 5.01 -3.43 26.56
CA ALA A 140 4.01 -4.39 26.15
C ALA A 140 4.69 -5.58 25.48
N THR A 141 3.92 -6.50 24.92
CA THR A 141 4.47 -7.71 24.33
C THR A 141 4.09 -7.74 22.85
N LEU A 142 5.06 -8.10 22.01
CA LEU A 142 4.86 -8.25 20.58
C LEU A 142 4.73 -9.72 20.20
N LYS A 143 3.64 -10.06 19.52
CA LYS A 143 3.37 -11.43 19.10
C LYS A 143 3.17 -11.48 17.59
N TYR A 144 3.48 -12.62 16.99
CA TYR A 144 3.38 -12.83 15.56
C TYR A 144 2.37 -13.93 15.28
N ILE A 145 1.49 -13.70 14.31
CA ILE A 145 0.60 -14.77 13.85
C ILE A 145 1.36 -15.64 12.84
N PRO A 146 1.50 -16.93 13.08
CA PRO A 146 2.19 -17.78 12.10
C PRO A 146 1.41 -17.93 10.81
N LEU A 147 2.15 -18.28 9.76
CA LEU A 147 1.58 -18.47 8.43
C LEU A 147 1.50 -19.95 8.09
N GLN A 148 0.48 -20.30 7.30
CA GLN A 148 0.38 -21.61 6.69
C GLN A 148 1.38 -21.73 5.54
N GLU A 149 1.61 -22.97 5.10
CA GLU A 149 2.67 -23.24 4.14
C GLU A 149 2.38 -22.72 2.74
N ASP A 150 1.16 -22.26 2.47
CA ASP A 150 0.82 -21.60 1.21
C ASP A 150 0.82 -20.08 1.35
N GLY A 151 1.26 -19.57 2.48
CA GLY A 151 1.39 -18.14 2.69
C GLY A 151 0.11 -17.42 3.02
N THR A 152 -0.91 -18.14 3.46
CA THR A 152 -2.13 -17.54 3.97
C THR A 152 -2.16 -17.61 5.49
N ILE A 153 -3.17 -16.97 6.08
CA ILE A 153 -3.34 -16.91 7.53
C ILE A 153 -4.58 -17.72 7.88
N SER A 154 -4.44 -18.63 8.85
CA SER A 154 -5.58 -19.39 9.33
C SER A 154 -6.27 -18.58 10.41
N LEU A 155 -7.61 -18.62 10.41
CA LEU A 155 -8.37 -17.89 11.42
C LEU A 155 -8.16 -18.47 12.81
N GLU A 156 -7.87 -19.77 12.91
CA GLU A 156 -7.67 -20.38 14.21
C GLU A 156 -6.33 -19.97 14.81
N ASP A 157 -5.30 -19.83 13.98
CA ASP A 157 -4.04 -19.27 14.47
C ASP A 157 -4.24 -17.84 14.99
N VAL A 158 -5.07 -17.05 14.31
CA VAL A 158 -5.41 -15.72 14.80
C VAL A 158 -6.07 -15.83 16.18
N ARG A 159 -7.13 -16.64 16.28
CA ARG A 159 -7.88 -16.76 17.52
C ARG A 159 -7.01 -17.25 18.67
N GLU A 160 -6.02 -18.10 18.38
CA GLU A 160 -5.14 -18.61 19.42
C GLU A 160 -4.06 -17.60 19.78
N THR A 161 -3.64 -16.77 18.82
CA THR A 161 -2.58 -15.80 19.07
C THR A 161 -3.10 -14.54 19.75
N VAL A 162 -4.29 -14.08 19.40
CA VAL A 162 -4.88 -12.90 20.03
C VAL A 162 -5.62 -13.33 21.29
N THR A 163 -5.23 -12.76 22.42
CA THR A 163 -5.82 -13.07 23.71
C THR A 163 -6.55 -11.84 24.24
N SER A 164 -7.16 -11.98 25.41
CA SER A 164 -7.91 -10.89 26.03
C SER A 164 -7.03 -9.71 26.44
N ASN A 165 -5.71 -9.88 26.44
CA ASN A 165 -4.76 -8.83 26.76
C ASN A 165 -4.28 -8.06 25.54
N THR A 166 -4.74 -8.43 24.34
CA THR A 166 -4.39 -7.74 23.11
C THR A 166 -5.16 -6.44 22.97
N LYS A 167 -4.43 -5.36 22.72
CA LYS A 167 -5.03 -4.05 22.43
C LYS A 167 -4.97 -3.70 20.96
N ILE A 168 -4.02 -4.24 20.22
CA ILE A 168 -3.88 -3.95 18.80
C ILE A 168 -3.58 -5.24 18.04
N VAL A 169 -4.33 -5.47 16.97
CA VAL A 169 -4.01 -6.47 15.96
C VAL A 169 -3.67 -5.67 14.71
N ALA A 170 -2.48 -5.86 14.17
CA ALA A 170 -2.01 -5.13 13.01
C ALA A 170 -1.69 -6.12 11.89
N VAL A 171 -2.30 -5.90 10.72
CA VAL A 171 -2.26 -6.92 9.67
C VAL A 171 -2.37 -6.25 8.31
N SER A 172 -1.74 -6.86 7.32
CA SER A 172 -1.80 -6.40 5.94
C SER A 172 -3.12 -6.83 5.31
N HIS A 173 -3.65 -5.97 4.45
CA HIS A 173 -4.80 -6.36 3.65
C HIS A 173 -4.37 -7.27 2.50
N VAL A 174 -3.35 -6.82 1.76
CA VAL A 174 -2.75 -7.60 0.68
C VAL A 174 -1.23 -7.59 0.86
N SER A 175 -0.62 -8.76 0.69
CA SER A 175 0.82 -8.88 0.90
C SER A 175 1.57 -8.45 -0.36
N ASN A 176 2.50 -7.52 -0.19
CA ASN A 176 3.30 -7.04 -1.32
C ASN A 176 4.26 -8.09 -1.86
N VAL A 177 4.46 -9.19 -1.15
CA VAL A 177 5.37 -10.26 -1.58
C VAL A 177 4.59 -11.50 -2.02
N LEU A 178 3.73 -12.03 -1.15
CA LEU A 178 3.06 -13.29 -1.44
C LEU A 178 1.82 -13.11 -2.31
N GLY A 179 1.28 -11.90 -2.41
CA GLY A 179 0.03 -11.72 -3.10
C GLY A 179 -1.18 -12.10 -2.28
N THR A 180 -0.99 -12.58 -1.05
CA THR A 180 -2.10 -13.02 -0.22
C THR A 180 -3.09 -11.88 0.01
N VAL A 181 -4.37 -12.21 -0.04
CA VAL A 181 -5.43 -11.34 0.46
C VAL A 181 -5.89 -11.92 1.80
N ASN A 182 -5.66 -11.16 2.86
CA ASN A 182 -5.93 -11.67 4.20
C ASN A 182 -7.41 -11.50 4.56
N PRO A 183 -7.93 -12.39 5.43
CA PRO A 183 -9.34 -12.32 5.85
C PRO A 183 -9.57 -11.19 6.85
N ILE A 184 -9.46 -9.96 6.34
CA ILE A 184 -9.48 -8.77 7.19
C ILE A 184 -10.77 -8.70 8.01
N LYS A 185 -11.91 -9.06 7.40
CA LYS A 185 -13.19 -8.91 8.09
C LYS A 185 -13.28 -9.85 9.30
N GLU A 186 -13.04 -11.14 9.08
CA GLU A 186 -13.07 -12.10 10.17
C GLU A 186 -12.03 -11.77 11.24
N MET A 187 -10.86 -11.29 10.81
CA MET A 187 -9.83 -10.94 11.77
C MET A 187 -10.23 -9.72 12.61
N ALA A 188 -10.91 -8.75 11.98
CA ALA A 188 -11.45 -7.62 12.73
C ALA A 188 -12.49 -8.06 13.74
N LYS A 189 -13.38 -8.96 13.33
CA LYS A 189 -14.37 -9.51 14.27
C LYS A 189 -13.69 -10.19 15.45
N ILE A 190 -12.66 -10.99 15.18
CA ILE A 190 -11.95 -11.72 16.25
C ILE A 190 -11.25 -10.74 17.19
N ALA A 191 -10.68 -9.67 16.62
CA ALA A 191 -9.99 -8.67 17.44
C ALA A 191 -10.99 -7.93 18.31
N HIS A 192 -12.18 -7.65 17.77
CA HIS A 192 -13.18 -6.96 18.56
C HIS A 192 -13.68 -7.88 19.67
N ASP A 193 -13.83 -9.17 19.37
CA ASP A 193 -14.20 -10.15 20.38
C ASP A 193 -13.22 -10.15 21.53
N ASN A 194 -11.93 -9.91 21.24
CA ASN A 194 -10.93 -9.87 22.31
C ASN A 194 -10.69 -8.45 22.83
N GLY A 195 -11.48 -7.47 22.40
CA GLY A 195 -11.34 -6.12 22.92
C GLY A 195 -10.21 -5.32 22.34
N ALA A 196 -9.72 -5.70 21.18
CA ALA A 196 -8.61 -5.02 20.53
C ALA A 196 -9.11 -4.21 19.35
N VAL A 197 -8.26 -3.28 18.90
CA VAL A 197 -8.51 -2.58 17.65
C VAL A 197 -7.75 -3.32 16.55
N ILE A 198 -8.10 -3.05 15.29
CA ILE A 198 -7.43 -3.67 14.15
C ILE A 198 -6.94 -2.59 13.19
N VAL A 199 -5.69 -2.71 12.78
CA VAL A 199 -5.02 -1.75 11.94
C VAL A 199 -4.68 -2.48 10.64
N VAL A 200 -5.32 -2.07 9.55
CA VAL A 200 -5.15 -2.70 8.25
C VAL A 200 -4.16 -1.86 7.48
N ASP A 201 -3.06 -2.49 7.05
CA ASP A 201 -2.16 -1.91 6.06
C ASP A 201 -2.78 -2.17 4.70
N GLY A 202 -3.46 -1.18 4.16
CA GLY A 202 -4.19 -1.36 2.92
C GLY A 202 -3.44 -0.78 1.75
N ALA A 203 -2.13 -0.61 1.94
CA ALA A 203 -1.29 0.03 0.94
C ALA A 203 -1.33 -0.70 -0.39
N GLN A 204 -1.45 -2.02 -0.37
CA GLN A 204 -1.37 -2.81 -1.59
C GLN A 204 -2.73 -3.35 -2.02
N SER A 205 -3.79 -3.07 -1.27
CA SER A 205 -5.17 -3.42 -1.63
C SER A 205 -5.92 -2.26 -2.27
N THR A 206 -5.84 -1.07 -1.68
CA THR A 206 -6.53 0.10 -2.20
C THR A 206 -6.36 0.35 -3.71
N PRO A 207 -5.19 0.18 -4.32
CA PRO A 207 -5.10 0.46 -5.77
C PRO A 207 -5.84 -0.54 -6.63
N HIS A 208 -6.08 -1.75 -6.13
CA HIS A 208 -6.46 -2.87 -6.99
C HIS A 208 -7.85 -3.42 -6.70
N MET A 209 -8.49 -3.02 -5.62
CA MET A 209 -9.77 -3.58 -5.24
C MET A 209 -10.57 -2.58 -4.41
N LYS A 210 -11.89 -2.76 -4.44
CA LYS A 210 -12.78 -1.89 -3.70
C LYS A 210 -12.54 -2.01 -2.20
N ILE A 211 -12.63 -0.88 -1.50
CA ILE A 211 -12.47 -0.84 -0.06
C ILE A 211 -13.80 -0.40 0.54
N ASP A 212 -14.26 -1.14 1.55
CA ASP A 212 -15.46 -0.77 2.31
C ASP A 212 -15.05 -0.92 3.77
N VAL A 213 -14.69 0.20 4.40
CA VAL A 213 -14.28 0.16 5.80
C VAL A 213 -15.44 -0.21 6.71
N GLN A 214 -16.67 0.02 6.25
CA GLN A 214 -17.84 -0.40 7.03
C GLN A 214 -18.00 -1.90 6.99
N ASP A 215 -17.81 -2.50 5.81
CA ASP A 215 -17.91 -3.96 5.70
C ASP A 215 -16.72 -4.63 6.37
N LEU A 216 -15.53 -4.07 6.22
CA LEU A 216 -14.37 -4.63 6.88
C LEU A 216 -14.38 -4.40 8.38
N ASP A 217 -15.08 -3.35 8.83
CA ASP A 217 -15.12 -2.97 10.24
C ASP A 217 -13.71 -2.81 10.81
N CYS A 218 -12.81 -2.30 9.98
CA CYS A 218 -11.48 -2.00 10.47
C CYS A 218 -11.51 -0.74 11.32
N ASP A 219 -10.66 -0.73 12.35
CA ASP A 219 -10.56 0.45 13.20
C ASP A 219 -9.63 1.48 12.60
N PHE A 220 -8.56 1.03 11.94
CA PHE A 220 -7.71 1.91 11.18
C PHE A 220 -7.38 1.27 9.84
N PHE A 221 -7.19 2.12 8.82
CA PHE A 221 -6.87 1.68 7.47
C PHE A 221 -5.87 2.66 6.89
N ALA A 222 -4.76 2.16 6.36
CA ALA A 222 -3.73 3.03 5.84
C ALA A 222 -3.51 2.77 4.35
N LEU A 223 -3.36 3.84 3.58
CA LEU A 223 -3.18 3.71 2.14
C LEU A 223 -2.22 4.78 1.64
N SER A 224 -1.62 4.50 0.48
CA SER A 224 -0.63 5.37 -0.15
C SER A 224 -1.14 5.76 -1.53
N SER A 225 -1.05 7.06 -1.85
CA SER A 225 -1.53 7.53 -3.15
C SER A 225 -0.67 7.05 -4.30
N HIS A 226 0.65 6.95 -4.11
CA HIS A 226 1.52 6.69 -5.25
C HIS A 226 1.34 5.28 -5.83
N LYS A 227 0.63 4.39 -5.14
CA LYS A 227 0.31 3.08 -5.69
C LYS A 227 -0.99 3.06 -6.49
N MET A 228 -1.90 3.99 -6.22
CA MET A 228 -3.19 3.99 -6.89
C MET A 228 -3.28 5.12 -7.91
N CYS A 229 -2.27 5.25 -8.76
CA CYS A 229 -2.19 6.21 -9.85
C CYS A 229 -2.09 7.65 -9.36
N GLY A 230 -1.84 7.88 -8.08
CA GLY A 230 -1.84 9.20 -7.53
C GLY A 230 -0.44 9.74 -7.27
N PRO A 231 -0.35 11.02 -6.92
CA PRO A 231 0.96 11.64 -6.67
C PRO A 231 1.72 11.00 -5.52
N THR A 232 3.06 11.07 -5.60
CA THR A 232 3.90 10.70 -4.47
C THR A 232 3.74 11.72 -3.33
N GLY A 233 4.11 11.30 -2.13
CA GLY A 233 4.19 12.20 -1.00
C GLY A 233 2.89 12.40 -0.24
N VAL A 234 1.82 11.71 -0.61
CA VAL A 234 0.53 11.85 0.05
C VAL A 234 -0.06 10.46 0.25
N GLY A 235 -0.75 10.27 1.37
CA GLY A 235 -1.50 9.06 1.62
C GLY A 235 -2.64 9.36 2.58
N VAL A 236 -3.29 8.34 3.09
CA VAL A 236 -4.45 8.54 3.94
C VAL A 236 -4.35 7.61 5.14
N LEU A 237 -4.71 8.15 6.30
CA LEU A 237 -5.08 7.39 7.48
C LEU A 237 -6.58 7.49 7.67
N TYR A 238 -7.25 6.36 7.74
CA TYR A 238 -8.63 6.28 8.18
C TYR A 238 -8.64 5.71 9.59
N GLY A 239 -9.31 6.39 10.49
CA GLY A 239 -9.60 5.85 11.80
C GLY A 239 -11.06 6.07 12.12
N LYS A 240 -11.62 5.14 12.88
CA LYS A 240 -12.98 5.33 13.38
C LYS A 240 -13.03 6.61 14.18
N LYS A 241 -14.00 7.47 13.85
CA LYS A 241 -14.10 8.80 14.45
C LYS A 241 -13.97 8.73 15.97
N ALA A 242 -14.63 7.75 16.60
CA ALA A 242 -14.59 7.64 18.05
C ALA A 242 -13.16 7.43 18.54
N LEU A 243 -12.38 6.63 17.81
CA LEU A 243 -10.98 6.41 18.19
C LEU A 243 -10.14 7.65 17.95
N LEU A 244 -10.30 8.30 16.79
CA LEU A 244 -9.48 9.46 16.49
C LEU A 244 -9.75 10.61 17.45
N GLU A 245 -10.93 10.66 18.06
CA GLU A 245 -11.22 11.72 19.02
C GLU A 245 -10.34 11.57 20.26
N ASN A 246 -10.07 10.32 20.67
CA ASN A 246 -9.34 10.02 21.89
C ASN A 246 -7.84 9.84 21.69
N MET A 247 -7.36 9.87 20.45
CA MET A 247 -5.94 9.78 20.17
C MET A 247 -5.31 11.16 20.20
N GLU A 248 -4.10 11.25 20.81
CA GLU A 248 -3.50 12.57 20.75
C GLU A 248 -2.74 12.76 19.44
N PRO A 249 -2.58 14.00 19.00
CA PRO A 249 -1.94 14.25 17.71
C PRO A 249 -0.49 13.76 17.70
N ALA A 250 -0.05 13.31 16.51
CA ALA A 250 1.35 12.93 16.36
C ALA A 250 2.24 14.11 16.05
N GLU A 251 1.68 15.20 15.50
CA GLU A 251 2.41 16.40 15.14
C GLU A 251 1.68 17.62 15.67
N PHE A 252 2.43 18.69 15.91
CA PHE A 252 1.88 19.90 16.51
C PHE A 252 2.36 21.09 15.69
N GLY A 253 1.51 22.11 15.60
CA GLY A 253 1.85 23.29 14.84
C GLY A 253 0.57 23.99 14.39
N GLY A 254 0.71 24.81 13.34
CA GLY A 254 -0.45 25.47 12.80
C GLY A 254 -1.42 24.48 12.20
N GLU A 255 -2.63 24.97 11.90
CA GLU A 255 -3.70 24.25 11.22
C GLU A 255 -4.33 23.18 12.10
N MET A 256 -3.67 22.78 13.21
CA MET A 256 -4.24 21.78 14.10
C MET A 256 -4.63 22.35 15.47
N ILE A 257 -4.36 23.64 15.71
CA ILE A 257 -4.70 24.25 17.00
C ILE A 257 -6.00 25.03 16.91
N ASP A 258 -6.62 25.24 18.07
CA ASP A 258 -7.72 26.17 18.27
C ASP A 258 -7.20 27.40 18.99
N PHE A 259 -6.94 27.25 20.29
CA PHE A 259 -6.31 28.24 21.14
C PHE A 259 -4.88 27.82 21.46
N VAL A 260 -3.95 28.76 21.35
CA VAL A 260 -2.55 28.57 21.72
C VAL A 260 -2.20 29.58 22.79
N GLY A 261 -1.85 29.10 23.99
CA GLY A 261 -1.29 29.96 25.01
C GLY A 261 0.22 29.84 25.06
N LEU A 262 0.81 30.54 26.04
CA LEU A 262 2.26 30.47 26.19
C LEU A 262 2.72 29.06 26.57
N TYR A 263 1.91 28.33 27.32
CA TYR A 263 2.29 27.02 27.81
C TYR A 263 1.31 25.92 27.45
N GLU A 264 0.08 26.25 27.06
CA GLU A 264 -0.96 25.26 26.83
C GLU A 264 -1.68 25.60 25.54
N SER A 265 -2.16 24.56 24.85
CA SER A 265 -2.96 24.74 23.65
C SER A 265 -4.08 23.72 23.64
N THR A 266 -5.14 24.05 22.90
CA THR A 266 -6.24 23.12 22.63
C THR A 266 -6.25 22.80 21.14
N TRP A 267 -6.73 21.61 20.80
CA TRP A 267 -6.62 21.17 19.41
C TRP A 267 -7.89 21.52 18.64
N LYS A 268 -7.81 21.35 17.32
CA LYS A 268 -8.98 21.47 16.47
C LYS A 268 -9.81 20.19 16.51
N GLU A 269 -11.01 20.31 15.97
CA GLU A 269 -11.82 19.15 15.68
C GLU A 269 -11.16 18.32 14.58
N LEU A 270 -11.59 17.08 14.46
CA LEU A 270 -11.17 16.25 13.33
C LEU A 270 -11.67 16.85 12.02
N PRO A 271 -10.93 16.66 10.91
CA PRO A 271 -9.68 15.91 10.77
C PRO A 271 -8.42 16.72 11.06
N TRP A 272 -8.53 18.06 11.03
CA TRP A 272 -7.37 18.93 11.04
C TRP A 272 -6.53 18.80 12.31
N LYS A 273 -7.08 18.24 13.38
CA LYS A 273 -6.28 17.93 14.56
C LYS A 273 -5.02 17.14 14.22
N PHE A 274 -5.07 16.34 13.15
CA PHE A 274 -3.98 15.45 12.78
C PHE A 274 -3.28 15.92 11.51
N GLU A 275 -3.41 17.20 11.17
CA GLU A 275 -2.77 17.76 9.98
C GLU A 275 -2.05 19.03 10.42
N ALA A 276 -0.82 18.87 10.89
CA ALA A 276 0.00 20.00 11.30
C ALA A 276 0.67 20.62 10.08
N GLY A 277 0.70 21.96 10.03
CA GLY A 277 1.39 22.67 8.97
C GLY A 277 0.57 22.81 7.71
N THR A 278 1.14 23.52 6.74
CA THR A 278 0.58 23.58 5.39
C THR A 278 0.46 22.16 4.81
N PRO A 279 -0.73 21.75 4.39
CA PRO A 279 -0.92 20.37 3.95
C PRO A 279 -0.40 20.16 2.53
N ILE A 280 -0.40 18.88 2.12
CA ILE A 280 -0.02 18.48 0.77
C ILE A 280 -1.15 18.80 -0.21
N ILE A 281 -1.33 20.09 -0.52
CA ILE A 281 -2.52 20.54 -1.22
C ILE A 281 -2.60 19.89 -2.60
N ALA A 282 -1.59 20.18 -3.43
CA ALA A 282 -1.56 19.66 -4.79
C ALA A 282 -1.61 18.14 -4.78
N GLY A 283 -0.87 17.51 -3.85
CA GLY A 283 -0.83 16.06 -3.81
C GLY A 283 -2.19 15.47 -3.52
N ALA A 284 -2.92 16.06 -2.57
CA ALA A 284 -4.24 15.56 -2.24
C ALA A 284 -5.25 15.79 -3.37
N ILE A 285 -5.18 16.95 -4.04
CA ILE A 285 -6.10 17.19 -5.15
C ILE A 285 -5.83 16.20 -6.29
N GLY A 286 -4.54 15.93 -6.56
CA GLY A 286 -4.21 14.93 -7.56
C GLY A 286 -4.65 13.53 -7.15
N LEU A 287 -4.58 13.22 -5.85
CA LEU A 287 -5.09 11.93 -5.40
C LEU A 287 -6.60 11.83 -5.61
N GLY A 288 -7.32 12.93 -5.38
CA GLY A 288 -8.74 12.94 -5.70
C GLY A 288 -8.99 12.69 -7.17
N ALA A 289 -8.16 13.28 -8.03
CA ALA A 289 -8.27 13.01 -9.47
C ALA A 289 -8.02 11.53 -9.77
N ALA A 290 -6.99 10.95 -9.16
CA ALA A 290 -6.72 9.52 -9.31
C ALA A 290 -7.93 8.68 -8.92
N ILE A 291 -8.59 9.05 -7.82
CA ILE A 291 -9.77 8.32 -7.36
C ILE A 291 -10.88 8.41 -8.38
N ASP A 292 -11.13 9.63 -8.89
CA ASP A 292 -12.13 9.80 -9.95
C ASP A 292 -11.81 8.90 -11.14
N PHE A 293 -10.53 8.86 -11.53
CA PHE A 293 -10.10 8.05 -12.66
C PHE A 293 -10.41 6.57 -12.42
N LEU A 294 -10.02 6.05 -11.27
CA LEU A 294 -10.28 4.65 -10.95
C LEU A 294 -11.77 4.33 -10.90
N GLU A 295 -12.54 5.17 -10.19
CA GLU A 295 -13.98 4.96 -10.10
C GLU A 295 -14.64 5.01 -11.46
N GLU A 296 -14.11 5.80 -12.38
CA GLU A 296 -14.69 5.85 -13.72
C GLU A 296 -14.30 4.61 -14.53
N ILE A 297 -13.10 4.05 -14.26
CA ILE A 297 -12.76 2.76 -14.83
C ILE A 297 -13.56 1.65 -14.14
N GLY A 298 -13.77 1.77 -12.85
CA GLY A 298 -14.46 0.75 -12.08
C GLY A 298 -13.52 -0.16 -11.32
N LEU A 299 -13.61 -0.16 -9.98
CA LEU A 299 -12.65 -0.91 -9.18
C LEU A 299 -12.82 -2.41 -9.39
N ASP A 300 -14.06 -2.88 -9.58
CA ASP A 300 -14.28 -4.30 -9.79
C ASP A 300 -13.75 -4.75 -11.14
N GLU A 301 -13.81 -3.88 -12.16
CA GLU A 301 -13.16 -4.20 -13.43
C GLU A 301 -11.65 -4.29 -13.27
N ILE A 302 -11.06 -3.43 -12.42
CA ILE A 302 -9.63 -3.50 -12.15
C ILE A 302 -9.28 -4.79 -11.43
N SER A 303 -10.14 -5.21 -10.49
CA SER A 303 -9.93 -6.49 -9.80
C SER A 303 -10.02 -7.65 -10.78
N ARG A 304 -11.01 -7.65 -11.66
CA ARG A 304 -11.13 -8.71 -12.67
C ARG A 304 -9.89 -8.75 -13.55
N HIS A 305 -9.43 -7.59 -14.00
CA HIS A 305 -8.23 -7.53 -14.83
C HIS A 305 -7.00 -8.06 -14.11
N GLU A 306 -6.88 -7.75 -12.81
CA GLU A 306 -5.70 -8.20 -12.08
C GLU A 306 -5.76 -9.69 -11.80
N HIS A 307 -6.95 -10.23 -11.53
CA HIS A 307 -7.07 -11.67 -11.35
C HIS A 307 -6.76 -12.39 -12.66
N LYS A 308 -7.25 -11.85 -13.78
CA LYS A 308 -6.87 -12.32 -15.11
C LYS A 308 -5.35 -12.39 -15.25
N LEU A 309 -4.66 -11.27 -15.02
CA LEU A 309 -3.22 -11.24 -15.21
C LEU A 309 -2.50 -12.14 -14.23
N ALA A 310 -3.01 -12.31 -13.02
CA ALA A 310 -2.31 -13.13 -12.03
C ALA A 310 -2.47 -14.61 -12.34
N ALA A 311 -3.68 -15.04 -12.69
CA ALA A 311 -3.86 -16.41 -13.14
C ALA A 311 -3.02 -16.69 -14.37
N TYR A 312 -3.01 -15.77 -15.34
CA TYR A 312 -2.19 -15.96 -16.53
C TYR A 312 -0.72 -16.09 -16.16
N ALA A 313 -0.22 -15.21 -15.28
CA ALA A 313 1.18 -15.24 -14.90
C ALA A 313 1.54 -16.52 -14.15
N LEU A 314 0.66 -16.94 -13.23
CA LEU A 314 0.91 -18.18 -12.50
C LEU A 314 0.97 -19.37 -13.44
N GLU A 315 0.02 -19.45 -14.39
CA GLU A 315 0.01 -20.57 -15.32
C GLU A 315 1.26 -20.57 -16.19
N ARG A 316 1.71 -19.38 -16.62
CA ARG A 316 2.88 -19.33 -17.49
C ARG A 316 4.17 -19.58 -16.72
N PHE A 317 4.19 -19.23 -15.44
CA PHE A 317 5.37 -19.53 -14.61
C PHE A 317 5.51 -21.03 -14.37
N ARG A 318 4.42 -21.75 -14.16
CA ARG A 318 4.52 -23.20 -14.05
C ARG A 318 4.95 -23.86 -15.35
N GLN A 319 4.85 -23.14 -16.48
CA GLN A 319 5.41 -23.61 -17.73
C GLN A 319 6.93 -23.45 -17.84
N LEU A 320 7.55 -22.72 -16.91
CA LEU A 320 9.00 -22.66 -16.85
C LEU A 320 9.50 -23.62 -15.79
N ASP A 321 10.39 -24.53 -16.19
CA ASP A 321 11.10 -25.33 -15.21
C ASP A 321 12.03 -24.45 -14.38
N GLY A 322 12.43 -24.96 -13.23
CA GLY A 322 13.46 -24.28 -12.46
C GLY A 322 13.10 -22.89 -11.97
N VAL A 323 11.81 -22.61 -11.81
CA VAL A 323 11.35 -21.35 -11.22
C VAL A 323 10.48 -21.68 -10.02
N THR A 324 10.79 -21.06 -8.87
CA THR A 324 9.99 -21.20 -7.67
C THR A 324 9.16 -19.94 -7.49
N VAL A 325 7.84 -20.08 -7.42
CA VAL A 325 6.93 -18.98 -7.11
C VAL A 325 6.48 -19.11 -5.66
N TYR A 326 6.50 -18.01 -4.92
CA TYR A 326 6.11 -18.03 -3.51
C TYR A 326 4.67 -17.53 -3.36
N GLY A 327 3.94 -18.17 -2.46
CA GLY A 327 2.63 -17.70 -2.04
C GLY A 327 1.48 -18.51 -2.60
N PRO A 328 0.26 -18.09 -2.28
CA PRO A 328 -0.93 -18.87 -2.66
C PRO A 328 -1.24 -18.77 -4.15
N GLU A 329 -2.20 -19.61 -4.57
CA GLU A 329 -2.72 -19.55 -5.94
C GLU A 329 -3.73 -18.43 -6.09
N GLU A 330 -4.58 -18.29 -5.09
CA GLU A 330 -5.48 -17.14 -4.94
C GLU A 330 -4.67 -15.94 -4.46
N ARG A 331 -4.63 -14.85 -5.23
CA ARG A 331 -3.69 -13.77 -4.93
C ARG A 331 -4.21 -12.45 -5.51
N ALA A 332 -3.55 -11.34 -5.15
CA ALA A 332 -3.81 -10.02 -5.72
C ALA A 332 -3.13 -9.68 -7.05
N GLY A 333 -2.50 -10.61 -7.72
CA GLY A 333 -1.75 -10.23 -8.89
C GLY A 333 -0.39 -9.56 -8.81
N LEU A 334 0.55 -10.32 -8.28
CA LEU A 334 1.96 -9.99 -8.18
C LEU A 334 2.61 -11.36 -8.09
N VAL A 335 3.81 -11.50 -8.63
CA VAL A 335 4.50 -12.79 -8.55
C VAL A 335 5.90 -12.56 -8.03
N THR A 336 6.16 -13.09 -6.84
CA THR A 336 7.47 -13.12 -6.23
C THR A 336 8.02 -14.52 -6.42
N PHE A 337 9.28 -14.61 -6.82
CA PHE A 337 9.81 -15.86 -7.36
C PHE A 337 11.33 -15.84 -7.27
N ASN A 338 11.91 -16.94 -7.72
CA ASN A 338 13.36 -17.08 -7.88
C ASN A 338 13.64 -18.08 -8.99
N LEU A 339 14.79 -17.90 -9.63
CA LEU A 339 15.29 -18.83 -10.62
C LEU A 339 16.35 -19.73 -10.02
N ASP A 340 16.25 -21.03 -10.28
CA ASP A 340 17.24 -21.98 -9.82
C ASP A 340 18.62 -21.58 -10.34
N ASP A 341 19.54 -21.33 -9.41
CA ASP A 341 20.94 -21.01 -9.70
C ASP A 341 21.11 -19.70 -10.46
N VAL A 342 20.15 -18.78 -10.36
CA VAL A 342 20.31 -17.43 -10.88
C VAL A 342 19.91 -16.49 -9.75
N HIS A 343 20.77 -15.52 -9.44
CA HIS A 343 20.46 -14.60 -8.36
C HIS A 343 19.37 -13.61 -8.81
N PRO A 344 18.42 -13.28 -7.93
CA PRO A 344 17.32 -12.38 -8.35
C PRO A 344 17.79 -11.03 -8.84
N HIS A 345 18.81 -10.43 -8.21
CA HIS A 345 19.35 -9.17 -8.72
C HIS A 345 19.80 -9.31 -10.16
N ASP A 346 20.44 -10.43 -10.49
CA ASP A 346 20.87 -10.66 -11.86
C ASP A 346 19.67 -10.79 -12.78
N VAL A 347 18.63 -11.53 -12.34
CA VAL A 347 17.40 -11.63 -13.10
C VAL A 347 16.86 -10.23 -13.42
N ALA A 348 16.82 -9.37 -12.41
CA ALA A 348 16.25 -8.04 -12.60
C ALA A 348 17.10 -7.22 -13.57
N THR A 349 18.42 -7.39 -13.49
CA THR A 349 19.32 -6.66 -14.40
C THR A 349 19.12 -7.10 -15.84
N VAL A 350 19.05 -8.42 -16.08
CA VAL A 350 18.85 -8.92 -17.44
C VAL A 350 17.47 -8.52 -17.95
N LEU A 351 16.46 -8.54 -17.08
CA LEU A 351 15.13 -8.10 -17.49
C LEU A 351 15.12 -6.62 -17.87
N ASP A 352 15.86 -5.78 -17.14
CA ASP A 352 15.93 -4.37 -17.52
C ASP A 352 16.70 -4.18 -18.82
N ALA A 353 17.71 -5.01 -19.09
CA ALA A 353 18.34 -4.94 -20.40
C ALA A 353 17.37 -5.28 -21.52
N GLU A 354 16.37 -6.12 -21.23
CA GLU A 354 15.24 -6.33 -22.15
C GLU A 354 14.13 -5.31 -21.98
N GLY A 355 14.35 -4.25 -21.20
CA GLY A 355 13.33 -3.25 -20.98
C GLY A 355 12.21 -3.64 -20.05
N ILE A 356 12.40 -4.66 -19.23
CA ILE A 356 11.37 -5.14 -18.31
C ILE A 356 11.77 -4.73 -16.90
N ALA A 357 10.84 -4.11 -16.19
CA ALA A 357 11.09 -3.52 -14.88
C ALA A 357 10.49 -4.41 -13.79
N VAL A 358 11.36 -5.07 -13.02
CA VAL A 358 10.95 -5.86 -11.87
C VAL A 358 11.76 -5.38 -10.67
N ARG A 359 11.39 -5.83 -9.48
CA ARG A 359 12.15 -5.51 -8.29
C ARG A 359 12.91 -6.73 -7.83
N ALA A 360 14.06 -6.51 -7.20
CA ALA A 360 14.82 -7.60 -6.59
C ALA A 360 15.33 -7.17 -5.23
N GLY A 361 15.25 -8.10 -4.28
CA GLY A 361 15.67 -7.83 -2.92
C GLY A 361 14.73 -8.48 -1.94
N HIS A 362 14.56 -7.85 -0.78
CA HIS A 362 13.72 -8.39 0.27
C HIS A 362 12.35 -7.72 0.34
N HIS A 363 12.11 -6.69 -0.48
CA HIS A 363 10.82 -6.00 -0.57
C HIS A 363 10.30 -5.51 0.79
N CSS A 364 11.24 -5.08 1.63
CA CSS A 364 10.91 -4.51 2.92
CB CSS A 364 10.15 -3.20 2.81
SG CSS A 364 11.01 -1.91 1.97
SD CSS A 364 12.75 -1.61 3.12
C CSS A 364 10.10 -5.51 3.74
O CSS A 364 9.19 -5.20 4.50
N ALA A 365 10.46 -6.78 3.56
CA ALA A 365 9.86 -7.89 4.29
C ALA A 365 10.92 -8.92 4.64
N GLN A 366 11.86 -8.52 5.51
CA GLN A 366 12.95 -9.42 5.88
C GLN A 366 12.47 -10.63 6.66
N PRO A 367 11.60 -10.49 7.69
CA PRO A 367 11.08 -11.70 8.35
C PRO A 367 10.42 -12.69 7.40
N LEU A 368 9.68 -12.19 6.40
CA LEU A 368 9.09 -13.11 5.43
C LEU A 368 10.16 -13.81 4.60
N MET A 369 11.20 -13.07 4.17
CA MET A 369 12.29 -13.68 3.43
C MET A 369 12.94 -14.80 4.22
N LYS A 370 13.22 -14.55 5.51
CA LYS A 370 13.78 -15.61 6.35
C LYS A 370 12.81 -16.77 6.48
N TRP A 371 11.51 -16.47 6.62
CA TRP A 371 10.50 -17.52 6.71
C TRP A 371 10.48 -18.35 5.43
N LEU A 372 10.62 -17.70 4.26
CA LEU A 372 10.74 -18.41 3.00
C LEU A 372 12.06 -19.14 2.85
N ASP A 373 13.02 -18.90 3.76
CA ASP A 373 14.34 -19.51 3.70
C ASP A 373 15.11 -19.07 2.45
N VAL A 374 14.96 -17.79 2.10
CA VAL A 374 15.74 -17.17 1.03
C VAL A 374 16.30 -15.86 1.56
N THR A 375 17.39 -15.41 0.94
CA THR A 375 17.93 -14.10 1.30
C THR A 375 17.38 -12.98 0.42
N ALA A 376 16.94 -13.30 -0.78
CA ALA A 376 16.41 -12.28 -1.68
C ALA A 376 15.51 -12.97 -2.70
N THR A 377 14.77 -12.16 -3.45
CA THR A 377 13.76 -12.65 -4.36
C THR A 377 13.59 -11.64 -5.48
N ALA A 378 12.99 -12.09 -6.59
CA ALA A 378 12.56 -11.17 -7.64
C ALA A 378 11.04 -11.09 -7.64
N ARG A 379 10.51 -9.93 -8.04
CA ARG A 379 9.06 -9.73 -8.04
C ARG A 379 8.64 -8.89 -9.24
N ALA A 380 7.55 -9.33 -9.87
CA ALA A 380 6.91 -8.62 -10.96
C ALA A 380 5.47 -8.33 -10.56
N SER A 381 5.05 -7.08 -10.68
CA SER A 381 3.78 -6.63 -10.15
C SER A 381 2.96 -5.97 -11.26
N PHE A 382 1.68 -6.30 -11.32
CA PHE A 382 0.81 -5.88 -12.40
C PHE A 382 -0.25 -4.92 -11.92
N TYR A 383 -0.68 -4.04 -12.82
CA TYR A 383 -1.73 -3.07 -12.55
C TYR A 383 -2.58 -2.94 -13.81
N LEU A 384 -3.44 -1.93 -13.83
CA LEU A 384 -4.50 -1.80 -14.84
C LEU A 384 -4.00 -1.37 -16.21
N TYR A 385 -2.71 -1.06 -16.35
CA TYR A 385 -2.14 -0.70 -17.64
C TYR A 385 -1.28 -1.82 -18.20
N ASN A 386 -1.24 -2.97 -17.53
CA ASN A 386 -0.37 -4.07 -17.89
C ASN A 386 -1.16 -5.12 -18.65
N THR A 387 -0.50 -5.77 -19.60
CA THR A 387 -1.19 -6.65 -20.54
C THR A 387 -0.67 -8.07 -20.40
N GLU A 388 -1.40 -9.01 -21.00
CA GLU A 388 -0.94 -10.39 -21.06
C GLU A 388 0.29 -10.52 -21.94
N GLU A 389 0.37 -9.71 -23.01
CA GLU A 389 1.55 -9.68 -23.85
C GLU A 389 2.80 -9.37 -23.03
N GLU A 390 2.67 -8.48 -22.03
CA GLU A 390 3.82 -8.15 -21.19
C GLU A 390 4.24 -9.33 -20.33
N ILE A 391 3.29 -10.13 -19.84
CA ILE A 391 3.66 -11.32 -19.07
C ILE A 391 4.31 -12.36 -19.98
N ASP A 392 3.80 -12.48 -21.22
CA ASP A 392 4.46 -13.28 -22.24
C ASP A 392 5.92 -12.87 -22.41
N LYS A 393 6.15 -11.56 -22.56
CA LYS A 393 7.51 -11.05 -22.71
C LYS A 393 8.35 -11.39 -21.48
N LEU A 394 7.77 -11.26 -20.29
CA LEU A 394 8.48 -11.58 -19.06
C LEU A 394 8.91 -13.05 -19.03
N VAL A 395 7.99 -13.97 -19.35
CA VAL A 395 8.34 -15.38 -19.24
C VAL A 395 9.30 -15.78 -20.35
N GLU A 396 9.17 -15.16 -21.53
CA GLU A 396 10.14 -15.40 -22.59
C GLU A 396 11.53 -14.95 -22.15
N ALA A 397 11.62 -13.78 -21.53
CA ALA A 397 12.91 -13.30 -21.05
C ALA A 397 13.45 -14.15 -19.90
N LEU A 398 12.57 -14.71 -19.07
CA LEU A 398 13.04 -15.63 -18.03
C LEU A 398 13.62 -16.91 -18.62
N GLN A 399 12.94 -17.48 -19.61
CA GLN A 399 13.48 -18.65 -20.31
C GLN A 399 14.81 -18.31 -20.96
N LYS A 400 14.89 -17.16 -21.63
CA LYS A 400 16.13 -16.75 -22.27
C LYS A 400 17.25 -16.53 -21.26
N THR A 401 16.92 -15.94 -20.10
CA THR A 401 17.89 -15.74 -19.03
C THR A 401 18.44 -17.08 -18.54
N LYS A 402 17.57 -18.07 -18.36
CA LYS A 402 18.04 -19.34 -17.81
C LYS A 402 18.86 -20.09 -18.86
N GLU A 403 18.45 -20.02 -20.14
CA GLU A 403 19.27 -20.57 -21.21
C GLU A 403 20.64 -19.91 -21.23
N TYR A 404 20.69 -18.59 -21.07
CA TYR A 404 21.95 -17.86 -21.11
C TYR A 404 22.86 -18.28 -19.95
N PHE A 405 22.30 -18.40 -18.75
CA PHE A 405 23.18 -18.78 -17.67
C PHE A 405 23.50 -20.27 -17.68
N THR A 406 22.77 -21.07 -18.47
CA THR A 406 23.25 -22.43 -18.65
C THR A 406 24.36 -22.47 -19.68
N ASN A 407 24.22 -21.67 -20.75
CA ASN A 407 25.24 -21.57 -21.79
C ASN A 407 26.39 -20.66 -21.36
N VAL A 408 26.50 -20.40 -20.06
CA VAL A 408 27.63 -19.71 -19.47
C VAL A 408 28.20 -20.60 -18.37
N PHE A 409 27.33 -21.34 -17.68
CA PHE A 409 27.82 -22.40 -16.80
C PHE A 409 28.62 -23.43 -17.59
N VAL A 410 28.14 -23.80 -18.79
CA VAL A 410 28.83 -24.80 -19.59
C VAL A 410 30.20 -24.30 -20.04
N ASP A 411 30.29 -23.02 -20.42
CA ASP A 411 31.53 -22.45 -20.95
C ASP A 411 32.64 -22.35 -19.90
N LEU A 412 32.49 -23.07 -18.79
CA LEU A 412 33.50 -23.09 -17.73
C LEU A 412 34.53 -24.20 -18.03
N GLU A 413 35.27 -23.98 -19.11
CA GLU A 413 36.32 -24.91 -19.55
C GLU A 413 35.83 -26.35 -19.68
N PDA B . 6.00 -1.35 -0.74
N1 PDA B . 2.81 -1.41 3.07
C2 PDA B . 2.87 -2.18 1.98
C2A PDA B . 2.05 -3.47 1.91
C3 PDA B . 3.67 -1.82 0.91
O3A PDA B . 3.71 -2.65 -0.22
C4 PDA B . 4.39 -0.67 0.98
C4A PDA B . 5.28 -0.23 -0.17
C5 PDA B . 4.32 0.11 2.08
C5A PDA B . 5.14 1.38 2.15
OP4 PDA B . 4.32 2.48 2.41
P PDA B . 4.77 3.84 1.62
OP1 PDA B . 6.08 3.54 0.95
OP2 PDA B . 3.74 4.16 0.54
OP3 PDA B . 4.93 5.00 2.59
C6 PDA B . 3.53 -0.26 3.15
CA PDA B . 7.12 -0.85 -1.50
CB PDA B . 8.20 -0.26 -0.58
C PDA B . 7.69 -1.99 -2.34
O PDA B . 6.90 -2.75 -2.97
OXT PDA B . 8.94 -2.19 -2.38
#